data_6US8
#
_entry.id   6US8
#
_cell.length_a   49.390
_cell.length_b   76.090
_cell.length_c   98.630
_cell.angle_alpha   90.000
_cell.angle_beta   90.000
_cell.angle_gamma   90.000
#
_symmetry.space_group_name_H-M   'P 21 21 21'
#
loop_
_entity.id
_entity.type
_entity.pdbx_description
1 polymer 'Matrix protein 2'
2 non-polymer 'CHLORIDE ION'
3 non-polymer (1S)-1-[(3R,5R,7R)-tricyclo[3.3.1.1~3,7~]decan-1-yl]ethan-1-amine
4 water water
#
_entity_poly.entity_id   1
_entity_poly.type   'polypeptide(L)'
_entity_poly.pdbx_seq_one_letter_code
;(ACE)SSDPLVVAASIIGILHLILWILDRL(NH2)
;
_entity_poly.pdbx_strand_id   A,B,C,D,E,F,G,H,I,J,K,L,M,N,O,P
#
# COMPACT_ATOMS: atom_id res chain seq x y z
N ASP A 4 8.20 -16.28 4.24
CA ASP A 4 8.76 -15.56 5.38
C ASP A 4 7.97 -14.27 5.56
N PRO A 5 7.41 -14.00 6.74
CA PRO A 5 6.67 -12.73 6.91
C PRO A 5 7.47 -11.50 6.50
N LEU A 6 8.80 -11.53 6.64
CA LEU A 6 9.58 -10.37 6.24
C LEU A 6 9.50 -10.14 4.74
N VAL A 7 9.61 -11.22 3.95
CA VAL A 7 9.60 -11.04 2.51
C VAL A 7 8.20 -10.67 2.03
N VAL A 8 7.17 -11.24 2.65
CA VAL A 8 5.79 -10.85 2.36
C VAL A 8 5.59 -9.37 2.65
N ALA A 9 6.05 -8.91 3.81
CA ALA A 9 5.88 -7.52 4.18
C ALA A 9 6.61 -6.60 3.21
N ALA A 10 7.86 -6.95 2.88
CA ALA A 10 8.60 -6.11 1.93
C ALA A 10 7.98 -6.12 0.56
N SER A 11 7.32 -7.22 0.17
CA SER A 11 6.63 -7.25 -1.11
C SER A 11 5.45 -6.28 -1.11
N ILE A 12 4.65 -6.33 -0.04
CA ILE A 12 3.53 -5.41 0.07
C ILE A 12 4.02 -3.97 0.12
N ILE A 13 5.06 -3.72 0.91
CA ILE A 13 5.58 -2.36 1.05
C ILE A 13 6.15 -1.86 -0.27
N GLY A 14 6.80 -2.76 -1.02
CA GLY A 14 7.32 -2.38 -2.33
C GLY A 14 6.22 -2.00 -3.32
N ILE A 15 5.11 -2.73 -3.29
CA ILE A 15 3.97 -2.39 -4.14
C ILE A 15 3.38 -1.06 -3.69
N LEU A 16 3.19 -0.88 -2.39
CA LEU A 16 2.66 0.39 -1.88
C LEU A 16 3.58 1.54 -2.24
N HIS A 17 4.89 1.30 -2.16
CA HIS A 17 5.87 2.36 -2.44
C HIS A 17 5.74 2.84 -3.88
N LEU A 18 5.64 1.91 -4.84
CA LEU A 18 5.49 2.33 -6.23
C LEU A 18 4.21 3.13 -6.43
N ILE A 19 3.10 2.66 -5.86
CA ILE A 19 1.82 3.39 -5.99
C ILE A 19 1.97 4.81 -5.44
N LEU A 20 2.47 4.95 -4.22
CA LEU A 20 2.57 6.27 -3.61
C LEU A 20 3.51 7.17 -4.41
N TRP A 21 4.63 6.63 -4.89
CA TRP A 21 5.57 7.45 -5.64
C TRP A 21 4.96 7.91 -6.96
N ILE A 22 4.24 7.03 -7.67
CA ILE A 22 3.58 7.45 -8.91
C ILE A 22 2.58 8.58 -8.62
N LEU A 23 1.81 8.43 -7.54
CA LEU A 23 0.85 9.47 -7.19
C LEU A 23 1.55 10.77 -6.78
N ASP A 24 2.71 10.68 -6.12
CA ASP A 24 3.51 11.86 -5.84
C ASP A 24 3.97 12.54 -7.12
N ARG A 25 4.40 11.76 -8.12
CA ARG A 25 4.88 12.33 -9.37
C ARG A 25 3.74 12.96 -10.19
N LEU A 26 2.53 12.46 -10.02
CA LEU A 26 1.39 13.02 -10.75
C LEU A 26 0.94 14.32 -10.10
N SER B 3 14.95 -17.34 2.14
CA SER B 3 15.75 -17.00 3.32
C SER B 3 17.19 -16.68 2.94
N ASP B 4 17.43 -16.59 1.63
CA ASP B 4 18.71 -16.14 1.12
C ASP B 4 19.11 -14.82 1.81
N PRO B 5 20.36 -14.68 2.25
CA PRO B 5 20.76 -13.40 2.85
C PRO B 5 20.51 -12.20 1.95
N LEU B 6 20.66 -12.38 0.63
CA LEU B 6 20.41 -11.28 -0.29
C LEU B 6 18.94 -10.85 -0.24
N VAL B 7 18.02 -11.81 -0.25
CA VAL B 7 16.61 -11.46 -0.21
C VAL B 7 16.23 -10.87 1.14
N VAL B 8 16.81 -11.39 2.22
CA VAL B 8 16.53 -10.84 3.55
C VAL B 8 17.02 -9.40 3.64
N ALA B 9 18.23 -9.14 3.14
CA ALA B 9 18.77 -7.79 3.19
C ALA B 9 17.95 -6.83 2.33
N ALA B 10 17.57 -7.26 1.12
CA ALA B 10 16.80 -6.39 0.24
C ALA B 10 15.40 -6.13 0.81
N SER B 11 14.85 -7.09 1.56
CA SER B 11 13.57 -6.88 2.20
C SER B 11 13.65 -5.80 3.27
N ILE B 12 14.67 -5.89 4.11
CA ILE B 12 14.91 -4.86 5.13
C ILE B 12 15.13 -3.51 4.46
N ILE B 13 15.92 -3.50 3.39
CA ILE B 13 16.26 -2.25 2.71
C ILE B 13 15.03 -1.66 2.02
N GLY B 14 14.14 -2.51 1.49
CA GLY B 14 12.93 -1.98 0.87
C GLY B 14 12.00 -1.34 1.88
N ILE B 15 11.92 -1.91 3.09
CA ILE B 15 11.11 -1.31 4.15
C ILE B 15 11.73 0.02 4.58
N LEU B 16 13.04 0.03 4.80
CA LEU B 16 13.74 1.27 5.13
C LEU B 16 13.55 2.32 4.05
N HIS B 17 13.62 1.91 2.79
CA HIS B 17 13.47 2.87 1.69
C HIS B 17 12.11 3.55 1.72
N LEU B 18 11.03 2.81 1.96
CA LEU B 18 9.73 3.45 2.06
C LEU B 18 9.69 4.43 3.23
N ILE B 19 10.22 4.02 4.39
CA ILE B 19 10.23 4.91 5.56
C ILE B 19 10.97 6.20 5.23
N LEU B 20 12.19 6.07 4.69
CA LEU B 20 12.99 7.25 4.39
C LEU B 20 12.33 8.14 3.35
N TRP B 21 11.71 7.52 2.34
CA TRP B 21 11.14 8.32 1.26
C TRP B 21 9.92 9.09 1.74
N ILE B 22 9.03 8.43 2.48
CA ILE B 22 7.89 9.12 3.10
C ILE B 22 8.37 10.29 3.94
N LEU B 23 9.37 10.05 4.80
CA LEU B 23 9.85 11.11 5.67
C LEU B 23 10.42 12.27 4.87
N ASP B 24 11.18 11.97 3.82
CA ASP B 24 11.79 13.03 3.01
C ASP B 24 10.73 13.87 2.31
N ARG B 25 9.71 13.20 1.75
CA ARG B 25 8.66 13.92 1.05
C ARG B 25 7.82 14.77 2.00
N LEU B 26 7.86 14.47 3.29
CA LEU B 26 7.13 15.25 4.29
C LEU B 26 7.95 16.47 4.69
N ASP C 4 15.46 -18.02 -7.40
CA ASP C 4 15.02 -17.67 -8.74
C ASP C 4 15.77 -16.43 -9.24
N PRO C 5 16.21 -16.43 -10.49
CA PRO C 5 16.90 -15.25 -11.01
C PRO C 5 16.08 -13.97 -10.89
N LEU C 6 14.76 -14.06 -11.02
CA LEU C 6 13.94 -12.85 -10.93
C LEU C 6 14.05 -12.24 -9.54
N VAL C 7 13.91 -13.06 -8.50
CA VAL C 7 13.92 -12.53 -7.16
C VAL C 7 15.31 -12.03 -6.80
N VAL C 8 16.35 -12.76 -7.22
CA VAL C 8 17.71 -12.31 -6.96
C VAL C 8 17.98 -10.99 -7.68
N ALA C 9 17.56 -10.87 -8.94
CA ALA C 9 17.77 -9.63 -9.67
C ALA C 9 17.01 -8.47 -9.02
N ALA C 10 15.76 -8.71 -8.62
CA ALA C 10 14.99 -7.64 -7.97
C ALA C 10 15.60 -7.25 -6.63
N SER C 11 16.24 -8.19 -5.93
CA SER C 11 16.89 -7.87 -4.66
C SER C 11 18.09 -6.96 -4.90
N ILE C 12 18.93 -7.29 -5.87
CA ILE C 12 20.05 -6.45 -6.24
C ILE C 12 19.56 -5.06 -6.62
N ILE C 13 18.48 -5.00 -7.41
CA ILE C 13 17.98 -3.72 -7.91
C ILE C 13 17.39 -2.91 -6.78
N GLY C 14 16.73 -3.57 -5.82
CA GLY C 14 16.18 -2.85 -4.68
C GLY C 14 17.27 -2.21 -3.82
N ILE C 15 18.38 -2.92 -3.61
CA ILE C 15 19.50 -2.34 -2.87
C ILE C 15 20.11 -1.20 -3.67
N LEU C 16 20.31 -1.39 -4.97
CA LEU C 16 20.82 -0.33 -5.83
C LEU C 16 19.92 0.90 -5.80
N HIS C 17 18.60 0.67 -5.83
CA HIS C 17 17.66 1.79 -5.82
C HIS C 17 17.83 2.64 -4.57
N LEU C 18 17.98 2.01 -3.40
CA LEU C 18 18.19 2.80 -2.20
C LEU C 18 19.49 3.58 -2.27
N ILE C 19 20.56 2.95 -2.72
CA ILE C 19 21.83 3.65 -2.87
C ILE C 19 21.65 4.88 -3.76
N LEU C 20 21.07 4.69 -4.94
CA LEU C 20 20.91 5.80 -5.88
C LEU C 20 20.01 6.89 -5.31
N TRP C 21 18.95 6.50 -4.63
CA TRP C 21 18.03 7.50 -4.14
C TRP C 21 18.67 8.34 -3.03
N ILE C 22 19.37 7.68 -2.11
CA ILE C 22 20.08 8.42 -1.08
C ILE C 22 21.08 9.40 -1.72
N LEU C 23 21.82 8.93 -2.71
CA LEU C 23 22.81 9.80 -3.34
C LEU C 23 22.15 10.96 -4.07
N ASP C 24 21.00 10.71 -4.71
CA ASP C 24 20.28 11.79 -5.38
C ASP C 24 19.81 12.84 -4.38
N ARG C 25 19.31 12.40 -3.21
CA ARG C 25 18.81 13.36 -2.24
C ARG C 25 19.94 14.19 -1.63
N LEU C 26 21.10 13.56 -1.40
CA LEU C 26 22.19 14.27 -0.75
C LEU C 26 22.92 15.21 -1.70
N SER D 3 8.13 -19.09 -6.22
CA SER D 3 6.89 -19.86 -6.29
C SER D 3 5.77 -19.17 -5.54
N ASP D 4 6.05 -17.98 -5.00
CA ASP D 4 5.03 -17.14 -4.37
C ASP D 4 4.62 -16.05 -5.35
N PRO D 5 3.36 -16.00 -5.80
CA PRO D 5 2.98 -14.98 -6.78
C PRO D 5 3.14 -13.56 -6.26
N LEU D 6 3.02 -13.34 -4.95
CA LEU D 6 3.21 -12.00 -4.41
C LEU D 6 4.68 -11.57 -4.55
N VAL D 7 5.61 -12.48 -4.25
CA VAL D 7 7.02 -12.12 -4.36
C VAL D 7 7.40 -11.91 -5.82
N VAL D 8 6.82 -12.71 -6.71
CA VAL D 8 7.07 -12.54 -8.15
C VAL D 8 6.55 -11.19 -8.62
N ALA D 9 5.32 -10.84 -8.22
CA ALA D 9 4.74 -9.56 -8.61
C ALA D 9 5.56 -8.40 -8.05
N ALA D 10 5.94 -8.48 -6.78
CA ALA D 10 6.70 -7.39 -6.18
C ALA D 10 8.09 -7.27 -6.79
N SER D 11 8.63 -8.38 -7.28
CA SER D 11 9.92 -8.32 -7.99
C SER D 11 9.80 -7.54 -9.28
N ILE D 12 8.77 -7.83 -10.08
CA ILE D 12 8.55 -7.09 -11.32
C ILE D 12 8.34 -5.62 -11.00
N ILE D 13 7.50 -5.33 -10.02
CA ILE D 13 7.16 -3.96 -9.68
C ILE D 13 8.40 -3.21 -9.19
N GLY D 14 9.28 -3.91 -8.48
CA GLY D 14 10.49 -3.26 -7.98
C GLY D 14 11.44 -2.90 -9.10
N ILE D 15 11.55 -3.78 -10.11
CA ILE D 15 12.37 -3.47 -11.27
C ILE D 15 11.76 -2.30 -12.04
N LEU D 16 10.45 -2.34 -12.26
CA LEU D 16 9.77 -1.24 -12.93
C LEU D 16 9.95 0.07 -12.18
N HIS D 17 9.91 0.01 -10.85
CA HIS D 17 10.06 1.22 -10.05
C HIS D 17 11.41 1.87 -10.28
N LEU D 18 12.48 1.08 -10.29
CA LEU D 18 13.79 1.66 -10.55
C LEU D 18 13.84 2.27 -11.94
N ILE D 19 13.31 1.58 -12.95
CA ILE D 19 13.32 2.13 -14.29
C ILE D 19 12.59 3.47 -14.32
N LEU D 20 11.39 3.52 -13.72
CA LEU D 20 10.60 4.74 -13.76
C LEU D 20 11.29 5.86 -13.01
N TRP D 21 11.94 5.53 -11.90
CA TRP D 21 12.55 6.57 -11.07
C TRP D 21 13.79 7.15 -11.75
N ILE D 22 14.62 6.30 -12.34
CA ILE D 22 15.75 6.77 -13.14
C ILE D 22 15.26 7.70 -14.25
N LEU D 23 14.19 7.32 -14.95
CA LEU D 23 13.69 8.16 -16.03
C LEU D 23 13.18 9.49 -15.50
N ASP D 24 12.49 9.47 -14.36
CA ASP D 24 11.97 10.71 -13.80
C ASP D 24 13.10 11.65 -13.41
N ARG D 25 14.18 11.11 -12.84
CA ARG D 25 15.27 11.96 -12.39
C ARG D 25 16.09 12.50 -13.56
N LEU D 26 16.22 11.73 -14.62
CA LEU D 26 17.02 12.15 -15.76
C LEU D 26 16.24 13.07 -16.68
N ASP E 4 -15.02 17.92 -2.83
CA ASP E 4 -14.88 17.11 -4.04
C ASP E 4 -15.94 16.03 -4.08
N PRO E 5 -16.79 16.00 -5.10
CA PRO E 5 -17.85 14.97 -5.15
C PRO E 5 -17.32 13.55 -5.10
N LEU E 6 -16.15 13.31 -5.69
CA LEU E 6 -15.56 11.98 -5.61
C LEU E 6 -15.22 11.61 -4.16
N VAL E 7 -14.69 12.57 -3.41
CA VAL E 7 -14.30 12.29 -2.03
C VAL E 7 -15.55 12.14 -1.16
N VAL E 8 -16.59 12.90 -1.45
CA VAL E 8 -17.85 12.74 -0.73
C VAL E 8 -18.40 11.33 -0.98
N ALA E 9 -18.40 10.90 -2.23
CA ALA E 9 -18.89 9.57 -2.56
C ALA E 9 -18.07 8.49 -1.86
N ALA E 10 -16.74 8.61 -1.92
CA ALA E 10 -15.91 7.58 -1.29
C ALA E 10 -16.03 7.62 0.22
N SER E 11 -16.32 8.80 0.79
CA SER E 11 -16.55 8.89 2.22
C SER E 11 -17.82 8.15 2.63
N ILE E 12 -18.91 8.36 1.89
CA ILE E 12 -20.15 7.65 2.16
C ILE E 12 -19.95 6.14 1.99
N ILE E 13 -19.29 5.74 0.90
CA ILE E 13 -19.06 4.33 0.61
C ILE E 13 -18.17 3.72 1.68
N GLY E 14 -17.17 4.46 2.16
CA GLY E 14 -16.31 3.92 3.21
C GLY E 14 -17.06 3.69 4.51
N ILE E 15 -18.00 4.58 4.84
CA ILE E 15 -18.81 4.39 6.05
C ILE E 15 -19.73 3.20 5.86
N LEU E 16 -20.40 3.11 4.71
CA LEU E 16 -21.23 1.95 4.43
C LEU E 16 -20.43 0.66 4.49
N HIS E 17 -19.19 0.68 3.98
CA HIS E 17 -18.37 -0.51 3.95
C HIS E 17 -18.09 -1.03 5.36
N LEU E 18 -17.66 -0.14 6.26
CA LEU E 18 -17.42 -0.58 7.64
C LEU E 18 -18.68 -1.19 8.24
N ILE E 19 -19.82 -0.53 8.07
CA ILE E 19 -21.08 -1.03 8.64
C ILE E 19 -21.41 -2.41 8.09
N LEU E 20 -21.32 -2.57 6.77
CA LEU E 20 -21.70 -3.85 6.19
C LEU E 20 -20.72 -4.95 6.57
N TRP E 21 -19.44 -4.61 6.69
CA TRP E 21 -18.46 -5.61 7.09
C TRP E 21 -18.68 -6.06 8.52
N ILE E 22 -18.93 -5.12 9.45
CA ILE E 22 -19.22 -5.53 10.82
C ILE E 22 -20.41 -6.48 10.85
N LEU E 23 -21.51 -6.09 10.20
CA LEU E 23 -22.72 -6.92 10.21
C LEU E 23 -22.48 -8.27 9.55
N ASP E 24 -21.62 -8.33 8.52
CA ASP E 24 -21.31 -9.60 7.89
C ASP E 24 -20.55 -10.51 8.84
N ARG E 25 -19.60 -9.94 9.58
CA ARG E 25 -18.80 -10.73 10.50
C ARG E 25 -19.59 -11.14 11.73
N LEU E 26 -20.67 -10.44 12.07
CA LEU E 26 -21.52 -10.86 13.18
C LEU E 26 -22.39 -12.04 12.78
N SER F 2 -8.90 20.88 -7.71
CA SER F 2 -8.80 19.40 -7.77
C SER F 2 -8.18 18.81 -6.49
N SER F 3 -8.57 17.60 -6.11
CA SER F 3 -7.90 17.08 -4.90
C SER F 3 -6.57 16.43 -5.30
N ASP F 4 -5.74 16.24 -4.30
CA ASP F 4 -4.43 15.65 -4.49
C ASP F 4 -4.58 14.26 -5.12
N PRO F 5 -3.70 13.89 -6.06
CA PRO F 5 -3.79 12.55 -6.66
C PRO F 5 -3.89 11.43 -5.63
N LEU F 6 -3.24 11.56 -4.48
CA LEU F 6 -3.33 10.52 -3.47
C LEU F 6 -4.77 10.34 -2.99
N VAL F 7 -5.45 11.46 -2.75
CA VAL F 7 -6.82 11.39 -2.26
C VAL F 7 -7.75 10.90 -3.35
N VAL F 8 -7.51 11.34 -4.58
CA VAL F 8 -8.27 10.84 -5.73
C VAL F 8 -8.12 9.32 -5.83
N ALA F 9 -6.87 8.84 -5.75
CA ALA F 9 -6.63 7.41 -5.89
C ALA F 9 -7.24 6.61 -4.75
N ALA F 10 -7.10 7.11 -3.52
CA ALA F 10 -7.69 6.42 -2.37
C ALA F 10 -9.20 6.41 -2.44
N SER F 11 -9.80 7.46 -3.03
CA SER F 11 -11.25 7.47 -3.21
C SER F 11 -11.68 6.42 -4.22
N ILE F 12 -10.98 6.36 -5.36
CA ILE F 12 -11.26 5.34 -6.37
C ILE F 12 -11.06 3.95 -5.79
N ILE F 13 -9.98 3.76 -5.03
CA ILE F 13 -9.66 2.46 -4.47
C ILE F 13 -10.66 2.05 -3.39
N GLY F 14 -11.19 3.01 -2.65
CA GLY F 14 -12.19 2.67 -1.64
C GLY F 14 -13.50 2.25 -2.26
N ILE F 15 -13.89 2.89 -3.37
CA ILE F 15 -15.08 2.46 -4.10
C ILE F 15 -14.87 1.06 -4.67
N LEU F 16 -13.72 0.84 -5.31
CA LEU F 16 -13.43 -0.47 -5.86
C LEU F 16 -13.41 -1.53 -4.76
N HIS F 17 -12.88 -1.17 -3.59
CA HIS F 17 -12.79 -2.11 -2.47
C HIS F 17 -14.17 -2.57 -2.01
N LEU F 18 -15.11 -1.63 -1.84
CA LEU F 18 -16.47 -2.03 -1.47
C LEU F 18 -17.06 -2.93 -2.53
N ILE F 19 -16.90 -2.58 -3.81
CA ILE F 19 -17.48 -3.39 -4.88
C ILE F 19 -16.91 -4.80 -4.85
N LEU F 20 -15.58 -4.92 -4.78
CA LEU F 20 -14.96 -6.24 -4.81
C LEU F 20 -15.31 -7.05 -3.58
N TRP F 21 -15.45 -6.39 -2.43
CA TRP F 21 -15.74 -7.12 -1.21
C TRP F 21 -17.18 -7.66 -1.24
N ILE F 22 -18.12 -6.85 -1.70
CA ILE F 22 -19.49 -7.35 -1.86
C ILE F 22 -19.51 -8.55 -2.79
N LEU F 23 -18.82 -8.45 -3.93
CA LEU F 23 -18.82 -9.54 -4.90
C LEU F 23 -18.12 -10.78 -4.35
N ASP F 24 -17.08 -10.59 -3.54
CA ASP F 24 -16.43 -11.72 -2.90
C ASP F 24 -17.37 -12.44 -1.95
N ARG F 25 -18.08 -11.67 -1.12
CA ARG F 25 -18.96 -12.29 -0.14
C ARG F 25 -20.18 -12.96 -0.77
N LEU F 26 -20.55 -12.54 -1.98
CA LEU F 26 -21.65 -13.19 -2.70
C LEU F 26 -21.18 -14.50 -3.34
N ASP G 4 -4.58 17.72 4.26
CA ASP G 4 -4.59 17.55 5.71
C ASP G 4 -3.89 16.25 6.08
N PRO G 5 -3.11 16.26 7.18
CA PRO G 5 -2.45 15.03 7.63
C PRO G 5 -3.40 13.86 7.86
N LEU G 6 -4.58 14.12 8.43
CA LEU G 6 -5.52 13.02 8.64
C LEU G 6 -5.96 12.41 7.32
N VAL G 7 -6.29 13.24 6.33
CA VAL G 7 -6.77 12.71 5.06
C VAL G 7 -5.65 11.98 4.33
N VAL G 8 -4.42 12.49 4.45
CA VAL G 8 -3.30 11.82 3.83
C VAL G 8 -3.07 10.46 4.47
N ALA G 9 -3.08 10.40 5.80
CA ALA G 9 -2.88 9.13 6.49
C ALA G 9 -3.97 8.14 6.14
N ALA G 10 -5.23 8.59 6.14
CA ALA G 10 -6.33 7.69 5.83
C ALA G 10 -6.30 7.23 4.38
N SER G 11 -5.81 8.09 3.47
CA SER G 11 -5.65 7.69 2.07
C SER G 11 -4.64 6.56 1.95
N ILE G 12 -3.48 6.71 2.59
CA ILE G 12 -2.46 5.66 2.53
C ILE G 12 -3.00 4.38 3.13
N ILE G 13 -3.68 4.49 4.27
CA ILE G 13 -4.24 3.34 4.96
C ILE G 13 -5.30 2.64 4.12
N GLY G 14 -6.12 3.42 3.40
CA GLY G 14 -7.14 2.80 2.57
C GLY G 14 -6.55 2.03 1.42
N ILE G 15 -5.48 2.58 0.81
CA ILE G 15 -4.79 1.87 -0.25
C ILE G 15 -4.16 0.59 0.28
N LEU G 16 -3.46 0.70 1.41
CA LEU G 16 -2.88 -0.48 2.06
C LEU G 16 -3.95 -1.52 2.38
N HIS G 17 -5.11 -1.07 2.87
CA HIS G 17 -6.20 -2.01 3.19
C HIS G 17 -6.62 -2.82 1.96
N LEU G 18 -6.80 -2.18 0.81
CA LEU G 18 -7.19 -2.95 -0.37
C LEU G 18 -6.11 -3.96 -0.75
N ILE G 19 -4.84 -3.54 -0.70
CA ILE G 19 -3.74 -4.46 -1.01
C ILE G 19 -3.77 -5.67 -0.08
N LEU G 20 -3.85 -5.42 1.23
CA LEU G 20 -3.82 -6.51 2.20
C LEU G 20 -5.02 -7.42 2.04
N TRP G 21 -6.19 -6.84 1.80
CA TRP G 21 -7.40 -7.65 1.68
C TRP G 21 -7.36 -8.53 0.43
N ILE G 22 -6.96 -7.96 -0.71
CA ILE G 22 -6.85 -8.76 -1.93
C ILE G 22 -5.89 -9.92 -1.71
N LEU G 23 -4.72 -9.64 -1.13
CA LEU G 23 -3.73 -10.68 -0.92
C LEU G 23 -4.24 -11.72 0.08
N ASP G 24 -4.93 -11.28 1.14
CA ASP G 24 -5.47 -12.23 2.10
C ASP G 24 -6.47 -13.17 1.45
N ARG G 25 -7.28 -12.65 0.53
CA ARG G 25 -8.31 -13.49 -0.08
C ARG G 25 -7.73 -14.41 -1.14
N LEU G 26 -6.60 -14.05 -1.73
CA LEU G 26 -5.88 -14.92 -2.64
C LEU G 26 -5.02 -15.96 -1.90
N SER H 2 -10.76 17.64 4.87
CA SER H 2 -10.73 17.69 6.34
C SER H 2 -11.56 18.87 6.83
N SER H 3 -11.73 19.91 6.04
CA SER H 3 -12.66 20.94 6.45
C SER H 3 -14.09 20.45 6.44
N ASP H 4 -14.33 19.27 5.85
CA ASP H 4 -15.65 18.65 5.80
C ASP H 4 -15.74 17.58 6.88
N PRO H 5 -16.67 17.70 7.83
CA PRO H 5 -16.77 16.68 8.88
C PRO H 5 -17.07 15.29 8.35
N LEU H 6 -17.70 15.19 7.18
CA LEU H 6 -17.90 13.88 6.59
C LEU H 6 -16.56 13.23 6.25
N VAL H 7 -15.63 14.00 5.70
CA VAL H 7 -14.35 13.43 5.32
C VAL H 7 -13.54 13.07 6.55
N VAL H 8 -13.62 13.91 7.60
CA VAL H 8 -13.00 13.57 8.88
C VAL H 8 -13.55 12.25 9.40
N ALA H 9 -14.88 12.11 9.40
CA ALA H 9 -15.50 10.91 9.92
C ALA H 9 -15.09 9.69 9.12
N ALA H 10 -15.11 9.80 7.78
CA ALA H 10 -14.75 8.64 6.97
C ALA H 10 -13.27 8.31 7.10
N SER H 11 -12.42 9.31 7.36
CA SER H 11 -11.00 9.04 7.62
C SER H 11 -10.81 8.25 8.91
N ILE H 12 -11.49 8.66 9.98
CA ILE H 12 -11.44 7.94 11.24
C ILE H 12 -11.98 6.53 11.05
N ILE H 13 -13.13 6.41 10.38
CA ILE H 13 -13.76 5.11 10.19
C ILE H 13 -12.89 4.20 9.32
N GLY H 14 -12.23 4.77 8.32
CA GLY H 14 -11.36 3.95 7.47
C GLY H 14 -10.14 3.44 8.20
N ILE H 15 -9.60 4.24 9.12
CA ILE H 15 -8.51 3.78 9.97
C ILE H 15 -8.99 2.71 10.94
N LEU H 16 -10.15 2.94 11.58
CA LEU H 16 -10.73 1.92 12.46
C LEU H 16 -11.01 0.64 11.70
N HIS H 17 -11.48 0.77 10.46
CA HIS H 17 -11.81 -0.41 9.65
C HIS H 17 -10.58 -1.28 9.44
N LEU H 18 -9.47 -0.67 9.00
CA LEU H 18 -8.25 -1.45 8.80
C LEU H 18 -7.83 -2.13 10.09
N ILE H 19 -7.86 -1.41 11.20
CA ILE H 19 -7.45 -1.98 12.48
C ILE H 19 -8.32 -3.18 12.83
N LEU H 20 -9.65 -3.02 12.76
CA LEU H 20 -10.53 -4.11 13.14
C LEU H 20 -10.37 -5.29 12.20
N TRP H 21 -10.20 -5.03 10.91
CA TRP H 21 -10.07 -6.12 9.95
C TRP H 21 -8.80 -6.92 10.22
N ILE H 22 -7.68 -6.24 10.46
CA ILE H 22 -6.45 -6.94 10.79
C ILE H 22 -6.64 -7.79 12.04
N LEU H 23 -7.28 -7.23 13.07
CA LEU H 23 -7.45 -7.98 14.29
C LEU H 23 -8.37 -9.18 14.09
N ASP H 24 -9.37 -9.04 13.20
CA ASP H 24 -10.24 -10.16 12.89
C ASP H 24 -9.45 -11.26 12.22
N ARG H 25 -8.54 -10.89 11.32
CA ARG H 25 -7.83 -11.89 10.56
C ARG H 25 -6.71 -12.54 11.37
N LEU H 26 -6.22 -11.87 12.40
CA LEU H 26 -5.20 -12.45 13.26
C LEU H 26 -5.81 -13.50 14.17
N SER I 3 13.04 17.75 26.96
CA SER I 3 12.15 18.44 27.88
C SER I 3 10.71 17.96 27.71
N ASP I 4 10.34 17.70 26.46
CA ASP I 4 9.04 17.13 26.10
C ASP I 4 8.78 15.87 26.93
N PRO I 5 7.72 15.84 27.76
CA PRO I 5 7.51 14.66 28.62
C PRO I 5 7.47 13.35 27.87
N LEU I 6 6.91 13.34 26.66
CA LEU I 6 6.85 12.11 25.88
C LEU I 6 8.23 11.64 25.47
N VAL I 7 9.07 12.55 24.96
CA VAL I 7 10.40 12.17 24.52
C VAL I 7 11.23 11.70 25.71
N VAL I 8 11.09 12.37 26.85
CA VAL I 8 11.81 11.97 28.05
C VAL I 8 11.36 10.58 28.51
N ALA I 9 10.04 10.36 28.58
CA ALA I 9 9.54 9.05 28.96
C ALA I 9 10.03 7.98 27.99
N ALA I 10 9.93 8.25 26.69
CA ALA I 10 10.34 7.25 25.71
C ALA I 10 11.84 7.01 25.77
N SER I 11 12.62 8.03 26.16
CA SER I 11 14.06 7.84 26.32
C SER I 11 14.35 6.90 27.48
N ILE I 12 13.69 7.13 28.62
CA ILE I 12 13.85 6.25 29.76
C ILE I 12 13.43 4.82 29.38
N ILE I 13 12.31 4.71 28.68
CA ILE I 13 11.75 3.40 28.35
C ILE I 13 12.65 2.68 27.36
N GLY I 14 13.28 3.41 26.44
CA GLY I 14 14.20 2.79 25.52
C GLY I 14 15.43 2.23 26.23
N ILE I 15 15.93 2.95 27.22
CA ILE I 15 17.09 2.47 27.96
C ILE I 15 16.73 1.22 28.75
N LEU I 16 15.57 1.26 29.42
CA LEU I 16 15.09 0.11 30.17
C LEU I 16 14.87 -1.08 29.26
N HIS I 17 14.32 -0.85 28.06
CA HIS I 17 14.08 -1.95 27.12
C HIS I 17 15.38 -2.68 26.79
N LEU I 18 16.46 -1.94 26.53
CA LEU I 18 17.73 -2.62 26.26
C LEU I 18 18.20 -3.42 27.47
N ILE I 19 18.13 -2.82 28.66
CA ILE I 19 18.50 -3.55 29.88
C ILE I 19 17.70 -4.84 30.01
N LEU I 20 16.37 -4.74 29.87
CA LEU I 20 15.53 -5.91 30.04
C LEU I 20 15.81 -6.96 28.97
N TRP I 21 16.06 -6.51 27.73
CA TRP I 21 16.28 -7.47 26.65
C TRP I 21 17.61 -8.20 26.84
N ILE I 22 18.66 -7.46 27.21
CA ILE I 22 19.95 -8.08 27.46
C ILE I 22 19.83 -9.13 28.56
N LEU I 23 19.13 -8.78 29.63
CA LEU I 23 18.98 -9.73 30.74
C LEU I 23 18.13 -10.93 30.32
N ASP I 24 17.09 -10.71 29.53
CA ASP I 24 16.27 -11.84 29.07
C ASP I 24 17.09 -12.81 28.23
N ARG I 25 17.92 -12.29 27.33
CA ARG I 25 18.71 -13.15 26.46
C ARG I 25 19.80 -13.86 27.25
N LEU I 26 20.37 -13.19 28.24
CA LEU I 26 21.33 -13.81 29.15
C LEU I 26 20.61 -14.73 30.14
N SER J 3 8.69 18.29 19.52
CA SER J 3 7.57 18.66 18.67
C SER J 3 7.73 18.10 17.26
N ASP J 4 8.94 17.71 16.90
CA ASP J 4 9.21 17.07 15.62
C ASP J 4 8.29 15.86 15.46
N PRO J 5 7.44 15.84 14.43
CA PRO J 5 6.45 14.76 14.33
C PRO J 5 7.09 13.38 14.24
N LEU J 6 8.29 13.28 13.64
CA LEU J 6 8.95 11.98 13.57
C LEU J 6 9.39 11.51 14.95
N VAL J 7 9.97 12.41 15.75
CA VAL J 7 10.43 12.03 17.09
C VAL J 7 9.23 11.67 17.95
N VAL J 8 8.09 12.35 17.74
CA VAL J 8 6.90 12.04 18.51
C VAL J 8 6.38 10.65 18.17
N ALA J 9 6.27 10.36 16.86
CA ALA J 9 5.82 9.03 16.44
C ALA J 9 6.78 7.96 16.92
N ALA J 10 8.08 8.22 16.85
CA ALA J 10 9.04 7.22 17.29
C ALA J 10 9.00 7.03 18.80
N SER J 11 8.65 8.09 19.54
CA SER J 11 8.48 7.95 20.98
C SER J 11 7.31 7.05 21.30
N ILE J 12 6.16 7.28 20.65
CA ILE J 12 5.00 6.42 20.86
C ILE J 12 5.32 4.98 20.48
N ILE J 13 5.98 4.80 19.34
CA ILE J 13 6.30 3.47 18.85
C ILE J 13 7.25 2.76 19.82
N GLY J 14 8.19 3.49 20.40
CA GLY J 14 9.13 2.88 21.33
C GLY J 14 8.47 2.43 22.61
N ILE J 15 7.50 3.19 23.11
CA ILE J 15 6.75 2.75 24.27
C ILE J 15 5.92 1.51 23.93
N LEU J 16 5.22 1.56 22.80
CA LEU J 16 4.47 0.40 22.33
C LEU J 16 5.38 -0.81 22.16
N HIS J 17 6.59 -0.61 21.66
CA HIS J 17 7.52 -1.71 21.49
C HIS J 17 7.81 -2.41 22.83
N LEU J 18 8.11 -1.63 23.87
CA LEU J 18 8.38 -2.26 25.17
C LEU J 18 7.16 -3.03 25.67
N ILE J 19 5.97 -2.44 25.54
CA ILE J 19 4.75 -3.14 25.99
C ILE J 19 4.61 -4.47 25.25
N LEU J 20 4.69 -4.43 23.92
CA LEU J 20 4.52 -5.64 23.12
C LEU J 20 5.58 -6.67 23.47
N TRP J 21 6.81 -6.22 23.73
CA TRP J 21 7.88 -7.18 23.98
C TRP J 21 7.69 -7.83 25.34
N ILE J 22 7.36 -7.03 26.37
CA ILE J 22 7.06 -7.59 27.69
C ILE J 22 5.96 -8.63 27.59
N LEU J 23 4.88 -8.30 26.86
CA LEU J 23 3.78 -9.25 26.72
C LEU J 23 4.19 -10.49 25.93
N ASP J 24 5.06 -10.34 24.95
CA ASP J 24 5.52 -11.52 24.22
C ASP J 24 6.35 -12.44 25.13
N ARG J 25 7.17 -11.86 26.00
CA ARG J 25 7.99 -12.68 26.88
C ARG J 25 7.16 -13.36 27.96
N LEU J 26 6.11 -12.70 28.45
CA LEU J 26 5.24 -13.29 29.47
C LEU J 26 4.23 -14.25 28.86
N SER K 2 16.24 20.10 10.97
CA SER K 2 16.23 20.94 12.20
C SER K 2 16.34 20.04 13.42
N SER K 3 15.83 18.82 13.31
CA SER K 3 16.01 17.90 14.46
C SER K 3 17.44 17.40 14.46
N ASP K 4 17.91 17.01 15.61
CA ASP K 4 19.23 16.42 15.72
C ASP K 4 19.35 15.22 14.79
N PRO K 5 20.29 15.21 13.85
CA PRO K 5 20.44 14.04 12.97
C PRO K 5 20.61 12.73 13.73
N LEU K 6 21.17 12.75 14.94
CA LEU K 6 21.23 11.53 15.73
C LEU K 6 19.84 11.11 16.18
N VAL K 7 19.03 12.06 16.63
CA VAL K 7 17.68 11.72 17.08
C VAL K 7 16.82 11.31 15.89
N VAL K 8 16.98 11.97 14.74
CA VAL K 8 16.29 11.55 13.53
C VAL K 8 16.68 10.12 13.16
N ALA K 9 17.98 9.82 13.18
CA ALA K 9 18.44 8.48 12.86
C ALA K 9 17.86 7.46 13.83
N ALA K 10 17.91 7.75 15.13
CA ALA K 10 17.42 6.79 16.09
C ALA K 10 15.90 6.63 16.00
N SER K 11 15.20 7.68 15.57
CA SER K 11 13.76 7.57 15.39
C SER K 11 13.44 6.63 14.24
N ILE K 12 14.14 6.82 13.12
CA ILE K 12 14.00 6.00 11.87
C ILE K 12 14.44 4.57 12.17
N ILE K 13 15.39 4.41 13.10
CA ILE K 13 15.96 3.09 13.52
C ILE K 13 14.96 2.39 14.45
N GLY K 14 14.33 3.13 15.36
CA GLY K 14 13.38 2.58 16.31
C GLY K 14 12.10 2.10 15.65
N ILE K 15 11.66 2.83 14.62
CA ILE K 15 10.49 2.40 13.86
C ILE K 15 10.81 1.13 13.08
N LEU K 16 11.95 1.12 12.39
CA LEU K 16 12.36 -0.09 11.68
C LEU K 16 12.48 -1.27 12.62
N HIS K 17 13.00 -1.02 13.83
CA HIS K 17 13.19 -2.10 14.79
C HIS K 17 11.86 -2.73 15.19
N LEU K 18 10.85 -1.91 15.49
CA LEU K 18 9.56 -2.49 15.85
C LEU K 18 8.99 -3.30 14.69
N ILE K 19 9.11 -2.78 13.46
CA ILE K 19 8.57 -3.48 12.30
C ILE K 19 9.24 -4.85 12.15
N LEU K 20 10.58 -4.87 12.18
CA LEU K 20 11.28 -6.14 11.99
C LEU K 20 10.99 -7.11 13.13
N TRP K 21 10.89 -6.60 14.36
CA TRP K 21 10.60 -7.46 15.51
C TRP K 21 9.22 -8.09 15.40
N ILE K 22 8.21 -7.30 15.02
CA ILE K 22 6.87 -7.85 14.81
C ILE K 22 6.89 -8.93 13.74
N LEU K 23 7.57 -8.67 12.62
CA LEU K 23 7.62 -9.67 11.56
C LEU K 23 8.37 -10.93 12.00
N ASP K 24 9.38 -10.76 12.85
CA ASP K 24 10.11 -11.92 13.35
C ASP K 24 9.22 -12.77 14.25
N ARG K 25 8.37 -12.13 15.06
CA ARG K 25 7.49 -12.86 15.95
C ARG K 25 6.34 -13.50 15.20
N LEU K 26 5.95 -12.95 14.05
CA LEU K 26 4.88 -13.52 13.25
C LEU K 26 5.38 -14.75 12.50
N SER L 3 19.70 18.61 22.67
CA SER L 3 20.73 17.60 22.89
C SER L 3 20.91 17.29 24.37
N ASP L 4 19.79 17.13 25.06
CA ASP L 4 19.80 16.62 26.41
C ASP L 4 20.58 15.32 26.46
N PRO L 5 21.46 15.12 27.44
CA PRO L 5 22.18 13.84 27.53
C PRO L 5 21.25 12.63 27.54
N LEU L 6 20.08 12.74 28.16
CA LEU L 6 19.17 11.60 28.20
C LEU L 6 18.73 11.19 26.79
N VAL L 7 18.35 12.17 25.97
CA VAL L 7 17.87 11.86 24.64
C VAL L 7 19.02 11.37 23.76
N VAL L 8 20.19 11.98 23.91
CA VAL L 8 21.36 11.52 23.16
C VAL L 8 21.68 10.07 23.53
N ALA L 9 21.70 9.76 24.83
CA ALA L 9 22.03 8.42 25.27
C ALA L 9 20.99 7.42 24.79
N ALA L 10 19.70 7.77 24.90
CA ALA L 10 18.65 6.87 24.43
C ALA L 10 18.73 6.66 22.93
N SER L 11 19.15 7.68 22.19
CA SER L 11 19.31 7.53 20.74
C SER L 11 20.43 6.54 20.42
N ILE L 12 21.57 6.69 21.09
CA ILE L 12 22.68 5.76 20.90
C ILE L 12 22.27 4.35 21.29
N ILE L 13 21.57 4.22 22.42
CA ILE L 13 21.17 2.89 22.91
C ILE L 13 20.16 2.24 21.99
N GLY L 14 19.25 3.04 21.42
CA GLY L 14 18.30 2.49 20.46
C GLY L 14 18.97 1.96 19.21
N ILE L 15 20.03 2.64 18.75
CA ILE L 15 20.80 2.17 17.62
C ILE L 15 21.55 0.88 17.98
N LEU L 16 22.23 0.90 19.13
CA LEU L 16 22.90 -0.31 19.61
C LEU L 16 21.91 -1.46 19.77
N HIS L 17 20.72 -1.17 20.31
CA HIS L 17 19.72 -2.21 20.53
C HIS L 17 19.35 -2.91 19.23
N LEU L 18 19.06 -2.13 18.17
CA LEU L 18 18.73 -2.77 16.90
C LEU L 18 19.89 -3.63 16.40
N ILE L 19 21.12 -3.11 16.50
CA ILE L 19 22.28 -3.85 16.00
C ILE L 19 22.42 -5.17 16.73
N LEU L 20 22.35 -5.12 18.07
CA LEU L 20 22.54 -6.34 18.86
C LEU L 20 21.39 -7.32 18.64
N TRP L 21 20.18 -6.80 18.46
CA TRP L 21 19.05 -7.69 18.24
C TRP L 21 19.16 -8.40 16.89
N ILE L 22 19.53 -7.67 15.85
CA ILE L 22 19.75 -8.32 14.55
C ILE L 22 20.83 -9.39 14.67
N LEU L 23 21.94 -9.07 15.34
CA LEU L 23 23.04 -10.00 15.47
C LEU L 23 22.64 -11.22 16.28
N ASP L 24 21.80 -11.01 17.31
CA ASP L 24 21.35 -12.12 18.12
C ASP L 24 20.44 -13.06 17.33
N ARG L 25 19.55 -12.49 16.50
CA ARG L 25 18.64 -13.32 15.73
C ARG L 25 19.37 -14.05 14.63
N LEU L 26 20.50 -13.51 14.17
CA LEU L 26 21.36 -14.19 13.20
C LEU L 26 22.20 -15.26 13.89
N SER M 3 -18.60 -19.11 -20.93
CA SER M 3 -19.58 -20.11 -21.30
C SER M 3 -20.99 -19.53 -21.23
N ASP M 4 -21.30 -18.84 -20.14
CA ASP M 4 -22.62 -18.23 -20.02
C ASP M 4 -22.82 -17.20 -21.13
N PRO M 5 -24.04 -17.07 -21.67
CA PRO M 5 -24.27 -16.08 -22.72
C PRO M 5 -23.92 -14.66 -22.31
N LEU M 6 -24.09 -14.31 -21.04
CA LEU M 6 -23.71 -12.98 -20.60
C LEU M 6 -22.21 -12.75 -20.78
N VAL M 7 -21.40 -13.74 -20.42
CA VAL M 7 -19.95 -13.56 -20.48
C VAL M 7 -19.49 -13.57 -21.93
N VAL M 8 -20.09 -14.43 -22.76
CA VAL M 8 -19.80 -14.43 -24.19
C VAL M 8 -20.14 -13.07 -24.79
N ALA M 9 -21.32 -12.54 -24.44
CA ALA M 9 -21.76 -11.24 -24.96
C ALA M 9 -20.83 -10.12 -24.50
N ALA M 10 -20.48 -10.08 -23.21
CA ALA M 10 -19.58 -9.03 -22.75
C ALA M 10 -18.18 -9.18 -23.36
N SER M 11 -17.78 -10.40 -23.68
CA SER M 11 -16.50 -10.59 -24.35
C SER M 11 -16.53 -9.97 -25.76
N ILE M 12 -17.61 -10.26 -26.50
CA ILE M 12 -17.74 -9.70 -27.84
C ILE M 12 -17.80 -8.18 -27.77
N ILE M 13 -18.58 -7.66 -26.82
CA ILE M 13 -18.77 -6.23 -26.69
C ILE M 13 -17.47 -5.54 -26.28
N GLY M 14 -16.69 -6.17 -25.40
CA GLY M 14 -15.40 -5.61 -25.04
C GLY M 14 -14.45 -5.51 -26.22
N ILE M 15 -14.48 -6.50 -27.10
CA ILE M 15 -13.65 -6.45 -28.30
C ILE M 15 -14.14 -5.35 -29.23
N LEU M 16 -15.46 -5.29 -29.44
CA LEU M 16 -16.02 -4.22 -30.27
C LEU M 16 -15.71 -2.84 -29.67
N HIS M 17 -15.76 -2.73 -28.35
CA HIS M 17 -15.48 -1.46 -27.69
C HIS M 17 -14.07 -0.95 -27.99
N LEU M 18 -13.07 -1.83 -27.85
CA LEU M 18 -11.71 -1.39 -28.14
C LEU M 18 -11.57 -0.95 -29.59
N ILE M 19 -12.16 -1.71 -30.51
CA ILE M 19 -12.06 -1.37 -31.93
C ILE M 19 -12.69 0.00 -32.19
N LEU M 20 -13.92 0.21 -31.70
CA LEU M 20 -14.60 1.47 -31.95
C LEU M 20 -13.86 2.64 -31.31
N TRP M 21 -13.31 2.42 -30.11
CA TRP M 21 -12.61 3.51 -29.44
C TRP M 21 -11.34 3.89 -30.19
N ILE M 22 -10.57 2.90 -30.64
CA ILE M 22 -9.40 3.19 -31.46
C ILE M 22 -9.80 3.99 -32.70
N LEU M 23 -10.85 3.54 -33.38
CA LEU M 23 -11.28 4.23 -34.60
C LEU M 23 -11.81 5.62 -34.29
N ASP M 24 -12.49 5.80 -33.15
CA ASP M 24 -12.96 7.13 -32.78
C ASP M 24 -11.79 8.07 -32.57
N ARG M 25 -10.76 7.61 -31.84
CA ARG M 25 -9.62 8.46 -31.54
C ARG M 25 -8.76 8.73 -32.78
N LEU M 26 -8.79 7.84 -33.77
CA LEU M 26 -8.04 8.09 -35.00
C LEU M 26 -8.73 9.16 -35.86
N ASP N 4 -19.33 -16.94 -11.35
CA ASP N 4 -18.71 -16.19 -10.27
C ASP N 4 -19.24 -14.76 -10.26
N PRO N 5 -19.60 -14.22 -9.09
CA PRO N 5 -20.20 -12.88 -9.04
C PRO N 5 -19.33 -11.79 -9.66
N LEU N 6 -18.01 -11.91 -9.54
CA LEU N 6 -17.14 -10.86 -10.06
C LEU N 6 -17.17 -10.82 -11.58
N VAL N 7 -17.13 -11.98 -12.21
CA VAL N 7 -17.15 -12.02 -13.67
C VAL N 7 -18.51 -11.59 -14.20
N VAL N 8 -19.59 -11.98 -13.51
CA VAL N 8 -20.92 -11.54 -13.91
C VAL N 8 -21.04 -10.02 -13.78
N ALA N 9 -20.61 -9.47 -12.63
CA ALA N 9 -20.67 -8.02 -12.44
C ALA N 9 -19.85 -7.29 -13.50
N ALA N 10 -18.63 -7.78 -13.77
CA ALA N 10 -17.78 -7.11 -14.75
C ALA N 10 -18.36 -7.23 -16.15
N SER N 11 -19.09 -8.31 -16.43
CA SER N 11 -19.72 -8.48 -17.74
C SER N 11 -20.83 -7.44 -17.92
N ILE N 12 -21.66 -7.27 -16.89
CA ILE N 12 -22.69 -6.25 -16.93
C ILE N 12 -22.08 -4.86 -17.10
N ILE N 13 -21.02 -4.58 -16.33
CA ILE N 13 -20.39 -3.28 -16.34
C ILE N 13 -19.73 -3.01 -17.69
N GLY N 14 -19.14 -4.04 -18.31
CA GLY N 14 -18.56 -3.86 -19.63
C GLY N 14 -19.59 -3.50 -20.68
N ILE N 15 -20.77 -4.12 -20.59
CA ILE N 15 -21.86 -3.81 -21.52
C ILE N 15 -22.34 -2.38 -21.30
N LEU N 16 -22.58 -2.02 -20.04
CA LEU N 16 -22.94 -0.65 -19.70
C LEU N 16 -21.88 0.35 -20.16
N HIS N 17 -20.59 0.00 -19.99
CA HIS N 17 -19.54 0.90 -20.41
C HIS N 17 -19.62 1.23 -21.91
N LEU N 18 -19.85 0.21 -22.75
CA LEU N 18 -19.98 0.50 -24.18
C LEU N 18 -21.19 1.40 -24.44
N ILE N 19 -22.32 1.14 -23.76
CA ILE N 19 -23.51 1.97 -23.98
C ILE N 19 -23.22 3.42 -23.62
N LEU N 20 -22.67 3.66 -22.42
CA LEU N 20 -22.41 5.02 -21.98
C LEU N 20 -21.39 5.71 -22.87
N TRP N 21 -20.39 4.97 -23.34
CA TRP N 21 -19.35 5.60 -24.14
C TRP N 21 -19.90 6.02 -25.50
N ILE N 22 -20.65 5.14 -26.15
CA ILE N 22 -21.31 5.50 -27.40
C ILE N 22 -22.19 6.73 -27.21
N LEU N 23 -22.98 6.75 -26.13
CA LEU N 23 -23.86 7.88 -25.89
C LEU N 23 -23.08 9.16 -25.59
N ASP N 24 -21.99 9.07 -24.82
CA ASP N 24 -21.16 10.24 -24.57
C ASP N 24 -20.59 10.80 -25.86
N ARG N 25 -20.17 9.93 -26.78
CA ARG N 25 -19.56 10.38 -28.02
C ARG N 25 -20.58 10.90 -29.02
N LEU N 26 -21.82 10.46 -28.92
CA LEU N 26 -22.87 10.91 -29.82
C LEU N 26 -23.44 12.26 -29.37
N ASP O 4 -10.12 -18.56 -13.18
CA ASP O 4 -8.96 -18.20 -14.00
C ASP O 4 -8.42 -16.83 -13.59
N PRO O 5 -7.16 -16.79 -13.16
CA PRO O 5 -6.58 -15.53 -12.72
C PRO O 5 -6.61 -14.42 -13.76
N LEU O 6 -6.47 -14.79 -15.05
CA LEU O 6 -6.52 -13.76 -16.09
C LEU O 6 -7.91 -13.15 -16.18
N VAL O 7 -8.96 -13.98 -16.13
CA VAL O 7 -10.32 -13.45 -16.24
C VAL O 7 -10.66 -12.64 -15.00
N VAL O 8 -10.20 -13.07 -13.83
CA VAL O 8 -10.42 -12.30 -12.61
C VAL O 8 -9.71 -10.95 -12.70
N ALA O 9 -8.43 -10.95 -13.12
CA ALA O 9 -7.71 -9.69 -13.27
C ALA O 9 -8.40 -8.77 -14.27
N ALA O 10 -8.83 -9.32 -15.41
CA ALA O 10 -9.50 -8.50 -16.41
C ALA O 10 -10.85 -7.99 -15.90
N SER O 11 -11.50 -8.74 -15.00
CA SER O 11 -12.76 -8.29 -14.41
C SER O 11 -12.54 -7.09 -13.50
N ILE O 12 -11.50 -7.15 -12.65
CA ILE O 12 -11.21 -6.02 -11.78
C ILE O 12 -10.84 -4.80 -12.61
N ILE O 13 -10.01 -5.01 -13.64
CA ILE O 13 -9.57 -3.93 -14.52
C ILE O 13 -10.75 -3.32 -15.25
N GLY O 14 -11.70 -4.15 -15.69
CA GLY O 14 -12.87 -3.61 -16.37
C GLY O 14 -13.72 -2.74 -15.47
N ILE O 15 -13.90 -3.14 -14.21
CA ILE O 15 -14.65 -2.31 -13.27
C ILE O 15 -13.91 -1.01 -13.02
N LEU O 16 -12.60 -1.10 -12.79
CA LEU O 16 -11.77 0.09 -12.61
C LEU O 16 -11.84 1.00 -13.83
N HIS O 17 -11.83 0.43 -15.03
CA HIS O 17 -11.91 1.22 -16.25
C HIS O 17 -13.17 2.06 -16.28
N LEU O 18 -14.32 1.46 -15.97
CA LEU O 18 -15.57 2.23 -15.95
C LEU O 18 -15.50 3.35 -14.92
N ILE O 19 -14.96 3.07 -13.73
CA ILE O 19 -14.87 4.10 -12.69
C ILE O 19 -14.01 5.26 -13.16
N LEU O 20 -12.82 4.96 -13.73
CA LEU O 20 -11.93 6.02 -14.17
C LEU O 20 -12.54 6.81 -15.33
N TRP O 21 -13.22 6.13 -16.24
CA TRP O 21 -13.79 6.80 -17.40
C TRP O 21 -14.92 7.74 -16.99
N ILE O 22 -15.82 7.27 -16.12
CA ILE O 22 -16.89 8.13 -15.61
C ILE O 22 -16.31 9.37 -14.95
N LEU O 23 -15.28 9.17 -14.12
CA LEU O 23 -14.69 10.32 -13.43
C LEU O 23 -14.02 11.28 -14.40
N ASP O 24 -13.39 10.75 -15.44
CA ASP O 24 -12.77 11.60 -16.45
C ASP O 24 -13.82 12.42 -17.19
N ARG O 25 -14.99 11.84 -17.44
CA ARG O 25 -16.06 12.53 -18.15
C ARG O 25 -16.75 13.58 -17.30
N LEU O 26 -16.86 13.36 -16.00
CA LEU O 26 -17.49 14.32 -15.11
C LEU O 26 -16.54 15.46 -14.77
N ASP P 4 -12.07 -20.61 -22.05
CA ASP P 4 -12.65 -20.28 -23.35
C ASP P 4 -11.77 -19.26 -24.07
N PRO P 5 -11.36 -19.58 -25.29
CA PRO P 5 -10.47 -18.66 -26.02
C PRO P 5 -11.09 -17.29 -26.26
N LEU P 6 -12.41 -17.19 -26.39
CA LEU P 6 -13.02 -15.87 -26.54
C LEU P 6 -12.85 -15.04 -25.27
N VAL P 7 -13.06 -15.65 -24.10
CA VAL P 7 -12.98 -14.89 -22.85
C VAL P 7 -11.53 -14.54 -22.57
N VAL P 8 -10.59 -15.40 -22.98
CA VAL P 8 -9.18 -15.09 -22.83
C VAL P 8 -8.80 -13.91 -23.73
N ALA P 9 -9.27 -13.94 -24.99
CA ALA P 9 -8.99 -12.83 -25.90
C ALA P 9 -9.58 -11.53 -25.37
N ALA P 10 -10.83 -11.58 -24.90
CA ALA P 10 -11.45 -10.35 -24.41
C ALA P 10 -10.80 -9.87 -23.12
N SER P 11 -10.27 -10.78 -22.31
CA SER P 11 -9.53 -10.38 -21.11
C SER P 11 -8.26 -9.62 -21.48
N ILE P 12 -7.50 -10.16 -22.44
CA ILE P 12 -6.30 -9.48 -22.93
C ILE P 12 -6.65 -8.13 -23.53
N ILE P 13 -7.71 -8.08 -24.32
CA ILE P 13 -8.10 -6.84 -24.99
C ILE P 13 -8.58 -5.81 -23.98
N GLY P 14 -9.28 -6.26 -22.94
CA GLY P 14 -9.74 -5.33 -21.93
C GLY P 14 -8.60 -4.72 -21.15
N ILE P 15 -7.56 -5.52 -20.85
CA ILE P 15 -6.38 -4.98 -20.17
C ILE P 15 -5.65 -3.99 -21.07
N LEU P 16 -5.46 -4.36 -22.34
CA LEU P 16 -4.84 -3.46 -23.30
C LEU P 16 -5.65 -2.17 -23.43
N HIS P 17 -6.97 -2.29 -23.45
CA HIS P 17 -7.83 -1.13 -23.59
C HIS P 17 -7.61 -0.12 -22.46
N LEU P 18 -7.59 -0.61 -21.21
CA LEU P 18 -7.37 0.31 -20.09
C LEU P 18 -6.01 0.99 -20.19
N ILE P 19 -4.97 0.22 -20.53
CA ILE P 19 -3.63 0.80 -20.66
C ILE P 19 -3.62 1.90 -21.73
N LEU P 20 -4.13 1.60 -22.91
CA LEU P 20 -4.12 2.59 -23.99
C LEU P 20 -4.99 3.80 -23.64
N TRP P 21 -6.10 3.59 -22.94
CA TRP P 21 -6.95 4.72 -22.60
C TRP P 21 -6.26 5.64 -21.59
N ILE P 22 -5.62 5.07 -20.56
CA ILE P 22 -4.89 5.89 -19.60
C ILE P 22 -3.81 6.69 -20.31
N LEU P 23 -3.04 6.02 -21.17
CA LEU P 23 -1.97 6.71 -21.89
C LEU P 23 -2.54 7.78 -22.84
N ASP P 24 -3.72 7.56 -23.38
CA ASP P 24 -4.35 8.59 -24.21
C ASP P 24 -4.72 9.82 -23.39
N ARG P 25 -5.24 9.61 -22.19
CA ARG P 25 -5.62 10.75 -21.35
C ARG P 25 -4.42 11.43 -20.72
N LEU P 26 -3.30 10.72 -20.61
CA LEU P 26 -2.06 11.35 -20.14
C LEU P 26 -1.40 12.13 -21.27
#